data_9FWS
#
_entry.id   9FWS
#
_cell.length_a   44.042
_cell.length_b   100.035
_cell.length_c   51.384
_cell.angle_alpha   90
_cell.angle_beta   114.83
_cell.angle_gamma   90
#
_symmetry.space_group_name_H-M   'P 1 21 1'
#
loop_
_entity.id
_entity.type
_entity.pdbx_description
1 polymer 'Non-structural protein 10'
2 polymer 'Guanine-N7 methyltransferase nsp14'
3 non-polymer 7-METHOXY-1H-INDAZOLE
4 non-polymer 'DIMETHYL SULFOXIDE'
5 non-polymer 'ZINC ION'
6 water water
#
loop_
_entity_poly.entity_id
_entity_poly.type
_entity_poly.pdbx_seq_one_letter_code
_entity_poly.pdbx_strand_id
1 'polypeptide(L)'
;AGNATEVPANSTVLSFCAFAVDAAKAYKDYLASGGQPITNCVKMLCTHTGTGQAITVTPEANMDQESFGGASCCLYCRCH
IDHPNPKGFCDLKGKYVQIPTTCANDPVGFTLKNTVCTVCGMWKGYGCSCD
;
A
2 'polypeptide(L)'
;MAENVTGLFKDCSKVITGLHPTQAPTHLSVDTKFKTEGLCVDIPGIPKDMTYRRLISMMGFKMNYQVNGYPNMFITREEA
IRHVRAWIGFDVEGCHATREAVGTNLPLQLGFSTGVNLVAVPTGYVDTPNNTDFSRVSAKPPPGDQFKHLIPLMYKGLPW
NVVRIKIVQMLSDTLKNLSDRVVFVLWAHGFELTSMKYFVKIGPERTCCLCDRRATCFSTASDTYACWHHSIGFDYVYNP
FMIDVQQWGFTGNLQSNHDLYCQVHGNAHVASCDAIMTRCLAVHECFVKR
;
B
#
# COMPACT_ATOMS: atom_id res chain seq x y z
N ALA A 1 10.55 15.38 8.24
CA ALA A 1 10.32 14.61 9.46
C ALA A 1 10.27 13.12 9.10
N GLY A 2 10.80 12.27 9.97
CA GLY A 2 10.78 10.84 9.73
C GLY A 2 12.08 10.28 9.17
N ASN A 3 12.15 8.95 9.02
CA ASN A 3 13.36 8.29 8.54
C ASN A 3 12.98 7.33 7.42
N ALA A 4 13.56 7.50 6.25
CA ALA A 4 13.26 6.61 5.13
C ALA A 4 13.60 5.19 5.39
N THR A 5 12.72 4.29 4.94
CA THR A 5 13.04 2.87 4.98
C THR A 5 13.34 2.30 3.59
N GLU A 6 12.83 2.95 2.53
CA GLU A 6 12.96 2.34 1.19
C GLU A 6 13.75 3.13 0.17
N VAL A 7 14.14 2.41 -0.88
CA VAL A 7 14.91 2.95 -2.00
C VAL A 7 14.05 2.96 -3.27
N PRO A 8 14.34 3.87 -4.22
CA PRO A 8 13.49 3.97 -5.42
C PRO A 8 13.39 2.71 -6.27
N ALA A 9 14.42 1.86 -6.26
CA ALA A 9 14.41 0.61 -7.04
C ALA A 9 13.26 -0.33 -6.65
N ASN A 10 12.73 -0.15 -5.41
CA ASN A 10 11.64 -1.00 -4.95
C ASN A 10 10.25 -0.38 -5.01
N SER A 11 10.14 0.93 -5.38
CA SER A 11 8.84 1.57 -5.37
C SER A 11 7.78 0.86 -6.20
N THR A 12 8.09 0.47 -7.45
CA THR A 12 7.09 -0.13 -8.30
C THR A 12 6.58 -1.46 -7.73
N VAL A 13 7.52 -2.38 -7.42
CA VAL A 13 7.09 -3.70 -6.99
C VAL A 13 6.32 -3.65 -5.66
N LEU A 14 6.79 -2.76 -4.75
CA LEU A 14 6.09 -2.71 -3.46
C LEU A 14 4.72 -2.09 -3.58
N SER A 15 4.57 -1.08 -4.47
CA SER A 15 3.26 -0.47 -4.68
C SER A 15 2.28 -1.48 -5.28
N PHE A 16 2.76 -2.25 -6.29
CA PHE A 16 1.94 -3.24 -6.93
C PHE A 16 1.45 -4.29 -5.91
N CYS A 17 2.39 -4.81 -5.11
CA CYS A 17 2.04 -5.86 -4.17
C CYS A 17 1.22 -5.32 -2.99
N ALA A 18 1.41 -4.05 -2.62
CA ALA A 18 0.62 -3.42 -1.53
C ALA A 18 -0.86 -3.28 -1.88
N PHE A 19 -1.17 -3.20 -3.16
CA PHE A 19 -2.59 -3.08 -3.62
C PHE A 19 -3.20 -4.41 -4.07
N ALA A 20 -2.39 -5.47 -4.26
CA ALA A 20 -2.94 -6.71 -4.79
C ALA A 20 -3.87 -7.45 -3.87
N VAL A 21 -4.92 -8.12 -4.42
CA VAL A 21 -5.70 -9.05 -3.59
C VAL A 21 -4.76 -10.19 -3.12
N ASP A 22 -3.94 -10.73 -4.06
CA ASP A 22 -3.02 -11.82 -3.76
C ASP A 22 -1.60 -11.32 -3.96
N ALA A 23 -0.97 -10.88 -2.85
CA ALA A 23 0.34 -10.25 -2.94
C ALA A 23 1.43 -11.21 -3.41
N ALA A 24 1.39 -12.48 -2.90
CA ALA A 24 2.41 -13.45 -3.33
C ALA A 24 2.36 -13.74 -4.83
N LYS A 25 1.08 -13.87 -5.34
CA LYS A 25 0.90 -14.10 -6.78
C LYS A 25 1.35 -12.90 -7.60
N ALA A 26 1.05 -11.66 -7.05
CA ALA A 26 1.51 -10.47 -7.73
C ALA A 26 3.03 -10.41 -7.83
N TYR A 27 3.74 -10.78 -6.72
CA TYR A 27 5.20 -10.71 -6.78
C TYR A 27 5.74 -11.74 -7.82
N LYS A 28 5.20 -12.96 -7.79
CA LYS A 28 5.57 -14.02 -8.77
C LYS A 28 5.38 -13.50 -10.21
N ASP A 29 4.22 -12.87 -10.45
CA ASP A 29 3.91 -12.34 -11.79
C ASP A 29 4.76 -11.18 -12.20
N TYR A 30 5.09 -10.28 -11.26
CA TYR A 30 5.96 -9.15 -11.52
C TYR A 30 7.33 -9.66 -11.99
N LEU A 31 7.86 -10.71 -11.31
CA LEU A 31 9.17 -11.23 -11.71
C LEU A 31 9.06 -11.89 -13.09
N ALA A 32 7.97 -12.59 -13.35
CA ALA A 32 7.83 -13.26 -14.66
C ALA A 32 7.71 -12.28 -15.80
N SER A 33 7.16 -11.07 -15.55
CA SER A 33 7.11 -10.05 -16.59
C SER A 33 8.42 -9.23 -16.72
N GLY A 34 9.51 -9.70 -16.08
CA GLY A 34 10.80 -9.04 -16.19
C GLY A 34 11.22 -8.09 -15.08
N GLY A 35 10.39 -8.00 -14.04
CA GLY A 35 10.71 -7.11 -12.93
C GLY A 35 11.89 -7.60 -12.08
N GLN A 36 12.57 -6.68 -11.40
CA GLN A 36 13.71 -7.02 -10.55
C GLN A 36 13.24 -7.46 -9.15
N PRO A 37 13.89 -8.47 -8.54
CA PRO A 37 13.51 -8.87 -7.19
C PRO A 37 13.69 -7.71 -6.21
N ILE A 38 12.94 -7.77 -5.10
CA ILE A 38 13.05 -6.76 -4.04
C ILE A 38 14.47 -6.75 -3.46
N THR A 39 15.04 -5.56 -3.39
CA THR A 39 16.40 -5.39 -2.86
C THR A 39 16.34 -4.67 -1.49
N ASN A 40 17.50 -4.21 -0.92
CA ASN A 40 17.45 -3.50 0.34
C ASN A 40 17.02 -4.44 1.52
N CYS A 41 17.31 -5.76 1.38
CA CYS A 41 17.10 -6.71 2.48
C CYS A 41 18.25 -6.52 3.50
N VAL A 42 18.07 -7.11 4.70
CA VAL A 42 19.06 -7.01 5.75
C VAL A 42 19.94 -8.26 5.71
N LYS A 43 21.08 -8.14 5.01
CA LYS A 43 21.99 -9.27 4.87
C LYS A 43 23.06 -9.17 5.95
N MET A 44 23.33 -10.32 6.61
CA MET A 44 24.25 -10.35 7.73
C MET A 44 25.66 -10.80 7.38
N LEU A 45 26.61 -10.27 8.16
CA LEU A 45 27.97 -10.76 8.15
C LEU A 45 28.05 -11.80 9.27
N CYS A 46 28.56 -12.99 8.95
CA CYS A 46 28.61 -14.07 9.92
C CYS A 46 29.83 -14.98 9.66
N THR A 47 30.01 -16.03 10.48
CA THR A 47 31.17 -16.91 10.30
C THR A 47 30.89 -18.10 9.39
N HIS A 48 29.66 -18.26 8.87
CA HIS A 48 29.30 -19.39 7.99
C HIS A 48 29.66 -20.76 8.58
N THR A 49 29.61 -20.85 9.90
CA THR A 49 29.81 -22.13 10.61
C THR A 49 28.61 -22.46 11.47
N GLY A 50 27.42 -22.01 11.05
CA GLY A 50 26.19 -22.26 11.81
C GLY A 50 25.52 -23.60 11.54
N THR A 51 24.38 -23.80 12.19
CA THR A 51 23.65 -25.04 12.10
C THR A 51 22.98 -25.28 10.75
N GLY A 52 22.73 -24.20 9.99
CA GLY A 52 22.03 -24.35 8.71
C GLY A 52 20.52 -24.42 8.80
N GLN A 53 19.98 -24.37 10.03
CA GLN A 53 18.51 -24.35 10.26
C GLN A 53 17.91 -23.12 9.58
N ALA A 54 16.67 -23.23 9.16
CA ALA A 54 16.04 -22.21 8.36
C ALA A 54 15.74 -20.91 9.08
N ILE A 55 15.17 -20.99 10.29
CA ILE A 55 14.71 -19.81 11.05
C ILE A 55 15.26 -19.90 12.42
N THR A 56 16.08 -18.93 12.81
CA THR A 56 16.85 -19.01 14.04
C THR A 56 16.93 -17.70 14.84
N VAL A 57 17.36 -17.78 16.11
CA VAL A 57 17.43 -16.61 16.97
C VAL A 57 18.61 -15.71 16.64
N THR A 58 19.72 -16.29 16.22
CA THR A 58 20.91 -15.59 15.81
C THR A 58 21.32 -16.14 14.42
N PRO A 59 22.24 -15.48 13.69
CA PRO A 59 22.59 -15.97 12.35
C PRO A 59 23.18 -17.36 12.41
N GLU A 60 22.70 -18.26 11.56
CA GLU A 60 23.14 -19.66 11.58
C GLU A 60 23.50 -20.21 10.20
N ALA A 61 23.92 -19.34 9.28
CA ALA A 61 24.30 -19.79 7.93
C ALA A 61 25.42 -20.78 7.98
N ASN A 62 25.28 -21.84 7.20
CA ASN A 62 26.40 -22.74 6.95
C ASN A 62 27.11 -22.24 5.63
N MET A 63 28.11 -22.99 5.12
CA MET A 63 28.85 -22.53 3.95
C MET A 63 28.00 -22.55 2.66
N ASP A 64 26.80 -23.15 2.69
CA ASP A 64 25.95 -23.13 1.50
C ASP A 64 24.87 -22.06 1.59
N GLN A 65 24.92 -21.17 2.61
CA GLN A 65 23.83 -20.23 2.83
C GLN A 65 24.32 -18.81 3.10
N GLU A 66 23.36 -17.87 3.08
CA GLU A 66 23.54 -16.54 3.65
C GLU A 66 22.49 -16.34 4.76
N SER A 67 22.78 -15.47 5.74
CA SER A 67 21.83 -15.14 6.80
C SER A 67 21.25 -13.78 6.54
N PHE A 68 19.93 -13.65 6.71
CA PHE A 68 19.25 -12.37 6.58
C PHE A 68 18.39 -12.07 7.78
N GLY A 69 18.12 -10.77 8.05
CA GLY A 69 17.10 -10.41 9.01
C GLY A 69 15.74 -10.86 8.48
N GLY A 70 14.97 -11.55 9.32
CA GLY A 70 13.74 -12.20 8.86
C GLY A 70 12.66 -11.27 8.35
N ALA A 71 12.40 -10.13 9.02
CA ALA A 71 11.33 -9.24 8.50
C ALA A 71 11.66 -8.78 7.08
N SER A 72 12.96 -8.61 6.79
CA SER A 72 13.35 -8.08 5.48
C SER A 72 13.16 -9.07 4.34
N CYS A 73 12.93 -10.32 4.67
CA CYS A 73 12.69 -11.40 3.71
C CYS A 73 11.25 -11.76 3.58
N CYS A 74 10.35 -11.02 4.25
CA CYS A 74 8.94 -11.35 4.27
C CYS A 74 8.17 -10.34 3.45
N LEU A 75 7.52 -10.80 2.37
CA LEU A 75 6.77 -9.88 1.49
C LEU A 75 5.74 -9.06 2.25
N TYR A 76 5.11 -9.68 3.25
CA TYR A 76 4.07 -9.02 4.01
C TYR A 76 4.60 -7.96 4.93
N CYS A 77 5.77 -8.17 5.49
CA CYS A 77 6.47 -7.17 6.31
C CYS A 77 6.94 -6.02 5.38
N ARG A 78 7.45 -6.35 4.19
CA ARG A 78 8.00 -5.33 3.28
C ARG A 78 6.94 -4.41 2.68
N CYS A 79 5.72 -4.97 2.50
CA CYS A 79 4.62 -4.17 1.94
C CYS A 79 3.72 -3.59 3.02
N HIS A 80 3.92 -4.02 4.28
CA HIS A 80 3.10 -3.52 5.40
C HIS A 80 1.66 -3.89 5.22
N ILE A 81 1.45 -5.15 4.86
CA ILE A 81 0.12 -5.71 4.60
C ILE A 81 -0.18 -6.89 5.53
N ASP A 82 -1.43 -7.40 5.49
CA ASP A 82 -1.79 -8.50 6.33
C ASP A 82 -0.98 -9.76 6.01
N HIS A 83 -0.65 -10.54 7.07
CA HIS A 83 -0.01 -11.82 6.88
C HIS A 83 -1.11 -12.86 6.71
N PRO A 84 -0.91 -13.85 5.85
CA PRO A 84 -1.95 -14.89 5.70
C PRO A 84 -1.93 -15.95 6.83
N ASN A 85 -1.10 -15.76 7.86
CA ASN A 85 -0.93 -16.65 9.02
C ASN A 85 -2.12 -16.58 10.00
N PRO A 86 -2.38 -17.67 10.77
CA PRO A 86 -3.58 -17.72 11.63
C PRO A 86 -4.09 -16.40 12.26
N LYS A 87 -3.40 -15.83 13.24
CA LYS A 87 -3.83 -14.59 13.88
C LYS A 87 -3.16 -13.35 13.25
N GLY A 88 -2.72 -13.45 12.01
CA GLY A 88 -2.08 -12.34 11.30
C GLY A 88 -0.69 -12.00 11.77
N PHE A 89 0.00 -12.94 12.43
CA PHE A 89 1.34 -12.69 12.97
C PHE A 89 2.41 -13.30 12.09
N CYS A 90 3.61 -12.72 12.08
CA CYS A 90 4.69 -13.18 11.22
C CYS A 90 5.59 -14.21 11.89
N ASP A 91 6.03 -15.22 11.15
CA ASP A 91 6.97 -16.22 11.68
C ASP A 91 8.43 -15.88 11.36
N LEU A 92 8.68 -14.81 10.55
CA LEU A 92 10.07 -14.45 10.19
C LEU A 92 10.55 -13.21 10.95
N LYS A 93 9.69 -12.19 11.14
CA LYS A 93 10.08 -10.99 11.88
C LYS A 93 10.52 -11.38 13.31
N GLY A 94 11.67 -10.88 13.73
CA GLY A 94 12.20 -11.19 15.06
C GLY A 94 13.14 -12.39 15.03
N LYS A 95 13.34 -13.00 13.85
CA LYS A 95 14.28 -14.11 13.68
C LYS A 95 15.24 -13.80 12.54
N TYR A 96 16.27 -14.61 12.38
CA TYR A 96 17.14 -14.63 11.19
C TYR A 96 16.70 -15.75 10.29
N VAL A 97 16.80 -15.56 8.98
CA VAL A 97 16.43 -16.58 8.03
C VAL A 97 17.65 -16.94 7.19
N GLN A 98 17.94 -18.25 7.08
CA GLN A 98 19.07 -18.72 6.30
C GLN A 98 18.55 -19.07 4.90
N ILE A 99 19.19 -18.56 3.87
CA ILE A 99 18.74 -18.76 2.48
C ILE A 99 19.86 -19.38 1.69
N PRO A 100 19.61 -20.45 0.93
CA PRO A 100 20.69 -21.05 0.10
C PRO A 100 21.37 -19.98 -0.75
N THR A 101 22.71 -20.00 -0.85
N THR A 101 22.71 -20.00 -0.85
CA THR A 101 23.41 -18.97 -1.65
CA THR A 101 23.45 -18.98 -1.61
C THR A 101 22.93 -18.90 -3.08
C THR A 101 23.01 -18.93 -3.09
N THR A 102 22.54 -20.05 -3.64
CA THR A 102 22.04 -20.11 -5.03
C THR A 102 20.73 -19.31 -5.20
N CYS A 103 20.03 -18.99 -4.11
CA CYS A 103 18.76 -18.27 -4.13
C CYS A 103 18.85 -16.87 -3.47
N ALA A 104 20.03 -16.47 -2.98
CA ALA A 104 20.18 -15.25 -2.21
C ALA A 104 19.97 -13.94 -2.97
N ASN A 105 19.85 -14.00 -4.30
CA ASN A 105 19.54 -12.77 -5.05
C ASN A 105 18.03 -12.40 -4.86
N ASP A 106 17.20 -13.34 -4.40
CA ASP A 106 15.78 -13.02 -4.20
C ASP A 106 15.27 -13.69 -2.91
N PRO A 107 15.70 -13.19 -1.75
CA PRO A 107 15.27 -13.81 -0.48
C PRO A 107 13.76 -13.77 -0.25
N VAL A 108 13.12 -12.64 -0.70
CA VAL A 108 11.65 -12.56 -0.50
C VAL A 108 10.92 -13.63 -1.30
N GLY A 109 11.33 -13.80 -2.55
CA GLY A 109 10.72 -14.84 -3.38
C GLY A 109 11.00 -16.24 -2.82
N PHE A 110 12.22 -16.42 -2.25
CA PHE A 110 12.55 -17.73 -1.70
C PHE A 110 11.60 -18.13 -0.57
N THR A 111 11.38 -17.20 0.39
CA THR A 111 10.50 -17.52 1.52
C THR A 111 9.07 -17.73 1.11
N LEU A 112 8.62 -17.05 0.03
CA LEU A 112 7.23 -17.25 -0.43
C LEU A 112 7.06 -18.63 -1.05
N LYS A 113 8.09 -19.14 -1.72
CA LYS A 113 7.96 -20.42 -2.46
C LYS A 113 8.24 -21.65 -1.65
N ASN A 114 8.97 -21.51 -0.54
CA ASN A 114 9.45 -22.67 0.20
C ASN A 114 8.85 -22.87 1.59
N THR A 115 9.06 -24.07 2.18
CA THR A 115 8.48 -24.45 3.46
C THR A 115 9.55 -25.05 4.38
N VAL A 116 9.44 -24.80 5.68
CA VAL A 116 10.39 -25.34 6.65
C VAL A 116 9.86 -26.66 7.20
N CYS A 117 10.73 -27.63 7.33
CA CYS A 117 10.35 -28.89 7.95
C CYS A 117 10.24 -28.69 9.45
N THR A 118 9.12 -29.11 10.06
CA THR A 118 8.96 -28.96 11.51
C THR A 118 9.74 -30.01 12.32
N VAL A 119 10.16 -31.11 11.69
CA VAL A 119 10.91 -32.15 12.41
C VAL A 119 12.39 -31.81 12.52
N CYS A 120 13.03 -31.44 11.40
CA CYS A 120 14.48 -31.17 11.43
C CYS A 120 14.82 -29.66 11.40
N GLY A 121 13.85 -28.80 11.14
CA GLY A 121 14.12 -27.35 11.14
C GLY A 121 14.80 -26.79 9.89
N MET A 122 15.01 -27.61 8.87
CA MET A 122 15.67 -27.16 7.66
C MET A 122 14.67 -27.01 6.51
N TRP A 123 15.05 -26.25 5.45
CA TRP A 123 14.12 -26.03 4.33
C TRP A 123 13.90 -27.35 3.58
N LYS A 124 12.62 -27.64 3.22
CA LYS A 124 12.30 -28.81 2.38
C LYS A 124 12.95 -28.59 1.00
N GLY A 125 13.76 -29.56 0.56
CA GLY A 125 14.47 -29.48 -0.70
C GLY A 125 15.78 -28.74 -0.66
N TYR A 126 16.11 -28.12 0.50
CA TYR A 126 17.35 -27.34 0.70
C TYR A 126 17.92 -27.59 2.10
N GLY A 127 17.99 -28.86 2.47
CA GLY A 127 18.58 -29.21 3.76
C GLY A 127 17.79 -30.24 4.55
N CYS A 128 16.46 -30.36 4.33
CA CYS A 128 15.66 -31.31 5.10
C CYS A 128 16.23 -32.73 5.01
N SER A 129 16.50 -33.32 6.20
CA SER A 129 17.08 -34.65 6.37
C SER A 129 16.01 -35.76 6.55
N CYS A 130 14.71 -35.43 6.43
CA CYS A 130 13.67 -36.43 6.63
C CYS A 130 13.43 -37.34 5.38
N ASP A 131 14.06 -37.00 4.27
CA ASP A 131 14.08 -37.72 2.98
C ASP A 131 15.31 -37.21 2.18
N ASN B 4 20.25 7.62 -2.17
CA ASN B 4 18.98 7.60 -2.92
C ASN B 4 17.89 6.82 -2.15
N VAL B 5 16.93 7.58 -1.62
CA VAL B 5 15.83 7.03 -0.83
C VAL B 5 14.50 7.60 -1.34
N THR B 6 13.38 6.95 -0.96
CA THR B 6 12.04 7.43 -1.31
C THR B 6 11.28 7.72 0.00
N GLY B 7 10.20 8.48 -0.11
CA GLY B 7 9.32 8.71 1.03
C GLY B 7 8.30 7.58 1.23
N LEU B 8 8.17 6.65 0.25
CA LEU B 8 7.20 5.54 0.40
C LEU B 8 7.67 4.67 1.57
N PHE B 9 6.75 4.40 2.51
CA PHE B 9 7.04 3.61 3.69
C PHE B 9 8.03 4.28 4.64
N LYS B 10 8.07 5.65 4.61
CA LYS B 10 8.92 6.34 5.58
C LYS B 10 8.44 6.05 7.01
N ASP B 11 9.37 5.83 7.93
CA ASP B 11 9.04 5.61 9.31
C ASP B 11 8.82 6.97 9.94
N CYS B 12 7.61 7.22 10.37
CA CYS B 12 7.20 8.50 10.93
C CYS B 12 7.23 8.53 12.44
N SER B 13 7.76 7.50 13.10
CA SER B 13 7.80 7.49 14.55
C SER B 13 8.80 8.56 15.05
N LYS B 14 8.74 8.86 16.36
CA LYS B 14 9.70 9.82 16.94
C LYS B 14 10.87 9.11 17.64
N VAL B 15 10.98 7.77 17.51
CA VAL B 15 12.08 6.98 18.07
C VAL B 15 13.36 7.43 17.37
N ILE B 16 14.37 7.83 18.13
CA ILE B 16 15.60 8.36 17.58
C ILE B 16 16.44 7.30 16.86
N THR B 17 16.38 6.06 17.35
CA THR B 17 17.15 4.95 16.78
C THR B 17 16.32 4.07 15.80
N GLY B 18 17.05 3.36 14.94
CA GLY B 18 16.50 2.39 14.00
C GLY B 18 16.20 1.07 14.66
N LEU B 19 15.93 0.04 13.83
CA LEU B 19 15.51 -1.24 14.36
C LEU B 19 16.61 -2.30 14.44
N HIS B 20 16.35 -3.35 15.22
CA HIS B 20 17.21 -4.52 15.33
C HIS B 20 17.26 -5.22 13.95
N PRO B 21 18.36 -5.86 13.57
CA PRO B 21 18.40 -6.52 12.24
C PRO B 21 17.24 -7.50 11.97
N THR B 22 16.71 -8.17 13.00
CA THR B 22 15.65 -9.16 12.75
C THR B 22 14.28 -8.52 12.58
N GLN B 23 14.14 -7.23 12.95
CA GLN B 23 12.82 -6.55 12.94
C GLN B 23 12.73 -5.47 11.88
N ALA B 24 13.88 -4.92 11.46
CA ALA B 24 13.87 -3.89 10.45
C ALA B 24 13.32 -4.44 9.13
N PRO B 25 12.39 -3.75 8.47
CA PRO B 25 11.94 -4.29 7.16
C PRO B 25 13.04 -4.21 6.09
N THR B 26 14.02 -3.30 6.25
CA THR B 26 15.03 -3.04 5.24
C THR B 26 16.38 -2.71 5.85
N HIS B 27 17.44 -2.78 5.03
CA HIS B 27 18.77 -2.44 5.51
C HIS B 27 18.79 -0.96 5.97
N LEU B 28 18.13 -0.06 5.20
CA LEU B 28 18.11 1.35 5.59
C LEU B 28 17.53 1.55 6.98
N SER B 29 16.51 0.76 7.33
CA SER B 29 15.84 0.90 8.62
C SER B 29 16.58 0.25 9.81
N VAL B 30 17.65 -0.52 9.57
CA VAL B 30 18.43 -1.08 10.69
C VAL B 30 19.17 0.07 11.38
N ASP B 31 19.26 0.03 12.71
CA ASP B 31 20.00 1.09 13.40
C ASP B 31 21.49 1.08 13.01
N THR B 32 22.08 2.28 12.98
N THR B 32 22.10 2.29 12.94
CA THR B 32 23.49 2.46 12.63
CA THR B 32 23.51 2.43 12.59
C THR B 32 24.44 1.59 13.44
C THR B 32 24.44 1.58 13.44
N LYS B 33 24.07 1.30 14.70
CA LYS B 33 24.96 0.50 15.57
C LYS B 33 25.25 -0.88 15.06
N PHE B 34 24.35 -1.44 14.21
CA PHE B 34 24.57 -2.79 13.67
C PHE B 34 25.27 -2.80 12.32
N LYS B 35 25.57 -1.64 11.75
CA LYS B 35 26.13 -1.57 10.39
C LYS B 35 27.63 -1.53 10.36
N THR B 36 28.24 -2.45 9.62
CA THR B 36 29.69 -2.48 9.48
C THR B 36 30.05 -3.24 8.23
N GLU B 37 31.17 -2.89 7.57
CA GLU B 37 31.71 -3.66 6.48
C GLU B 37 30.69 -3.93 5.37
N GLY B 38 29.88 -2.93 5.10
CA GLY B 38 28.89 -2.95 4.03
C GLY B 38 27.61 -3.70 4.32
N LEU B 39 27.55 -4.41 5.46
CA LEU B 39 26.35 -5.21 5.81
C LEU B 39 25.97 -4.95 7.27
N CYS B 40 25.28 -5.90 7.93
CA CYS B 40 24.85 -5.75 9.30
C CYS B 40 25.42 -6.92 10.10
N VAL B 41 25.58 -6.70 11.41
CA VAL B 41 25.98 -7.75 12.33
C VAL B 41 25.01 -7.89 13.48
N ASP B 42 24.88 -9.12 13.98
CA ASP B 42 24.14 -9.38 15.16
C ASP B 42 25.15 -9.12 16.29
N ILE B 43 24.71 -8.37 17.30
CA ILE B 43 25.60 -8.06 18.41
C ILE B 43 25.11 -8.78 19.65
N PRO B 44 25.91 -9.73 20.18
CA PRO B 44 25.48 -10.42 21.41
C PRO B 44 25.18 -9.44 22.53
N GLY B 45 24.06 -9.63 23.22
CA GLY B 45 23.70 -8.76 24.33
C GLY B 45 22.85 -7.57 23.96
N ILE B 46 22.66 -7.29 22.63
CA ILE B 46 21.80 -6.17 22.19
C ILE B 46 20.46 -6.77 21.77
N PRO B 47 19.42 -6.53 22.57
CA PRO B 47 18.16 -7.23 22.31
C PRO B 47 17.25 -6.63 21.26
N LYS B 48 16.31 -7.43 20.80
CA LYS B 48 15.19 -6.96 19.97
C LYS B 48 14.32 -6.06 20.84
N ASP B 49 13.50 -5.20 20.22
CA ASP B 49 12.57 -4.30 20.90
C ASP B 49 11.18 -4.94 20.79
N MET B 50 10.59 -5.33 21.93
CA MET B 50 9.33 -6.05 21.89
C MET B 50 8.08 -5.22 22.14
N THR B 51 8.19 -3.88 22.16
CA THR B 51 7.01 -3.05 22.42
C THR B 51 6.77 -1.88 21.45
N TYR B 52 7.51 -1.82 20.33
CA TYR B 52 7.39 -0.65 19.44
C TYR B 52 6.11 -0.58 18.62
N ARG B 53 5.76 0.67 18.27
CA ARG B 53 4.67 0.97 17.36
C ARG B 53 5.23 2.10 16.50
N ARG B 54 5.50 1.77 15.20
CA ARG B 54 6.10 2.72 14.29
C ARG B 54 5.16 2.99 13.11
N LEU B 55 4.64 4.22 13.02
CA LEU B 55 3.75 4.57 11.91
C LEU B 55 4.54 4.64 10.61
N ILE B 56 4.05 3.90 9.57
CA ILE B 56 4.70 3.82 8.26
C ILE B 56 3.87 4.61 7.25
N SER B 57 4.51 5.56 6.57
CA SER B 57 3.78 6.40 5.62
C SER B 57 3.39 5.70 4.32
N MET B 58 2.15 5.93 3.89
CA MET B 58 1.64 5.43 2.61
C MET B 58 1.66 6.47 1.50
N MET B 59 2.50 7.53 1.66
CA MET B 59 2.60 8.57 0.63
C MET B 59 3.70 8.20 -0.32
N GLY B 60 3.43 8.21 -1.62
CA GLY B 60 4.47 7.97 -2.62
C GLY B 60 4.35 6.70 -3.44
N PHE B 61 3.14 6.13 -3.52
CA PHE B 61 2.99 4.93 -4.36
C PHE B 61 3.27 5.22 -5.83
N LYS B 62 3.74 4.21 -6.56
CA LYS B 62 4.08 4.38 -7.99
C LYS B 62 3.44 3.23 -8.72
N MET B 63 2.39 3.52 -9.49
CA MET B 63 1.64 2.45 -10.16
C MET B 63 2.04 2.34 -11.60
N ASN B 64 3.35 2.28 -11.84
CA ASN B 64 3.91 2.22 -13.19
C ASN B 64 4.43 0.85 -13.57
N TYR B 65 3.88 -0.20 -12.96
CA TYR B 65 4.27 -1.55 -13.34
C TYR B 65 3.63 -1.89 -14.70
N GLN B 66 4.15 -2.95 -15.34
CA GLN B 66 3.64 -3.46 -16.62
C GLN B 66 3.75 -4.97 -16.45
N VAL B 67 2.68 -5.60 -15.98
CA VAL B 67 2.62 -7.01 -15.65
C VAL B 67 1.53 -7.66 -16.45
N ASN B 68 1.89 -8.74 -17.18
CA ASN B 68 0.90 -9.39 -18.03
C ASN B 68 -0.41 -9.76 -17.36
N GLY B 69 -1.52 -9.32 -17.94
CA GLY B 69 -2.83 -9.68 -17.41
C GLY B 69 -3.38 -8.78 -16.30
N TYR B 70 -2.55 -7.83 -15.83
CA TYR B 70 -3.04 -6.86 -14.84
C TYR B 70 -3.24 -5.55 -15.63
N PRO B 71 -4.45 -5.02 -15.58
CA PRO B 71 -4.72 -3.76 -16.32
C PRO B 71 -3.98 -2.55 -15.76
N ASN B 72 -3.70 -1.56 -16.59
CA ASN B 72 -3.08 -0.32 -16.14
C ASN B 72 -4.20 0.44 -15.32
N MET B 73 -3.91 0.94 -14.12
CA MET B 73 -4.87 1.77 -13.33
C MET B 73 -5.04 3.16 -14.00
N PHE B 74 -3.92 3.82 -14.32
CA PHE B 74 -3.95 5.13 -14.94
C PHE B 74 -4.13 4.98 -16.43
N ILE B 75 -5.10 5.71 -17.01
CA ILE B 75 -5.43 5.55 -18.44
C ILE B 75 -5.24 6.87 -19.23
N THR B 76 -5.19 6.77 -20.57
CA THR B 76 -4.99 7.96 -21.39
C THR B 76 -6.23 8.79 -21.46
N ARG B 77 -6.09 10.06 -21.88
CA ARG B 77 -7.21 10.93 -22.12
C ARG B 77 -8.16 10.31 -23.15
N GLU B 78 -7.61 9.71 -24.23
CA GLU B 78 -8.48 9.12 -25.25
C GLU B 78 -9.32 7.97 -24.67
N GLU B 79 -8.71 7.08 -23.86
CA GLU B 79 -9.46 5.98 -23.26
C GLU B 79 -10.46 6.55 -22.24
N ALA B 80 -10.06 7.57 -21.47
CA ALA B 80 -10.99 8.17 -20.49
C ALA B 80 -12.22 8.75 -21.20
N ILE B 81 -12.04 9.42 -22.36
CA ILE B 81 -13.18 9.99 -23.06
C ILE B 81 -14.17 8.94 -23.50
N ARG B 82 -13.70 7.78 -24.00
CA ARG B 82 -14.63 6.70 -24.41
C ARG B 82 -15.48 6.24 -23.21
N HIS B 83 -14.89 6.34 -21.99
CA HIS B 83 -15.57 5.89 -20.75
C HIS B 83 -16.08 7.04 -19.92
N VAL B 84 -16.52 8.13 -20.55
CA VAL B 84 -17.05 9.26 -19.79
C VAL B 84 -18.20 8.88 -18.81
N ARG B 85 -19.03 7.87 -19.20
CA ARG B 85 -20.11 7.48 -18.29
C ARG B 85 -19.61 6.85 -17.00
N ALA B 86 -18.35 6.40 -16.98
CA ALA B 86 -17.78 5.83 -15.76
C ALA B 86 -17.07 6.86 -14.90
N TRP B 87 -17.05 8.14 -15.31
CA TRP B 87 -16.30 9.16 -14.58
C TRP B 87 -16.87 9.53 -13.24
N ILE B 88 -16.04 9.38 -12.19
CA ILE B 88 -16.42 9.81 -10.86
C ILE B 88 -15.29 10.69 -10.37
N GLY B 89 -15.57 11.97 -10.13
CA GLY B 89 -14.56 12.87 -9.57
C GLY B 89 -14.28 12.42 -8.14
N PHE B 90 -13.02 12.53 -7.70
CA PHE B 90 -12.68 12.08 -6.36
C PHE B 90 -11.63 13.02 -5.80
N ASP B 91 -11.84 13.41 -4.53
CA ASP B 91 -10.91 14.24 -3.81
C ASP B 91 -10.89 13.87 -2.34
N VAL B 92 -9.72 14.00 -1.68
CA VAL B 92 -9.63 13.66 -0.25
C VAL B 92 -8.99 14.81 0.52
N GLU B 93 -9.60 15.17 1.63
CA GLU B 93 -8.98 16.14 2.55
C GLU B 93 -8.34 15.31 3.68
N GLY B 94 -7.08 15.58 3.99
CA GLY B 94 -6.37 14.81 4.98
C GLY B 94 -6.25 15.48 6.33
N CYS B 95 -5.79 14.71 7.28
CA CYS B 95 -5.35 15.17 8.58
C CYS B 95 -3.93 14.71 8.80
N HIS B 96 -3.24 15.35 9.72
CA HIS B 96 -1.83 15.08 9.93
C HIS B 96 -1.56 14.19 11.12
N ALA B 97 -0.62 13.23 10.99
CA ALA B 97 -0.20 12.43 12.14
C ALA B 97 0.42 13.37 13.19
N THR B 98 0.11 13.12 14.46
CA THR B 98 0.69 13.94 15.53
CA THR B 98 0.65 13.94 15.57
C THR B 98 1.03 13.01 16.73
N ARG B 99 1.70 13.59 17.77
CA ARG B 99 2.04 12.96 19.03
C ARG B 99 3.07 11.84 18.87
N GLU B 100 2.64 10.58 18.78
CA GLU B 100 3.54 9.43 18.63
C GLU B 100 4.21 9.34 17.25
N ALA B 101 3.74 10.13 16.29
CA ALA B 101 4.26 10.15 14.94
C ALA B 101 4.07 11.52 14.30
N VAL B 102 4.89 11.83 13.33
CA VAL B 102 4.79 13.05 12.56
C VAL B 102 5.38 12.81 11.17
N GLY B 103 4.78 13.44 10.17
CA GLY B 103 5.30 13.42 8.82
C GLY B 103 4.50 12.69 7.75
N THR B 104 3.20 12.45 7.99
CA THR B 104 2.38 11.79 6.98
C THR B 104 0.92 12.25 7.11
N ASN B 105 0.19 12.08 6.03
CA ASN B 105 -1.18 12.54 5.84
C ASN B 105 -2.08 11.30 5.87
N LEU B 106 -3.19 11.41 6.60
CA LEU B 106 -4.16 10.32 6.72
C LEU B 106 -5.49 10.82 6.13
N PRO B 107 -6.24 9.96 5.44
CA PRO B 107 -7.55 10.39 4.88
C PRO B 107 -8.53 10.76 5.99
N LEU B 108 -9.25 11.88 5.81
CA LEU B 108 -10.25 12.29 6.78
C LEU B 108 -11.59 12.43 6.07
N GLN B 109 -11.68 13.26 5.03
CA GLN B 109 -12.94 13.44 4.30
C GLN B 109 -12.79 13.06 2.83
N LEU B 110 -13.50 12.02 2.41
CA LEU B 110 -13.42 11.50 1.05
C LEU B 110 -14.65 12.02 0.31
N GLY B 111 -14.41 12.76 -0.77
CA GLY B 111 -15.51 13.38 -1.51
C GLY B 111 -15.58 12.90 -2.94
N PHE B 112 -16.83 12.81 -3.45
CA PHE B 112 -17.05 12.30 -4.80
C PHE B 112 -17.97 13.22 -5.58
N SER B 113 -17.91 13.15 -6.92
CA SER B 113 -18.75 14.01 -7.76
C SER B 113 -20.23 13.69 -7.65
N THR B 114 -20.59 12.59 -6.98
CA THR B 114 -21.99 12.27 -6.70
C THR B 114 -22.56 13.23 -5.61
N GLY B 115 -21.70 14.03 -4.95
CA GLY B 115 -22.02 14.93 -3.86
C GLY B 115 -21.83 14.30 -2.50
N VAL B 116 -21.39 13.02 -2.44
CA VAL B 116 -21.24 12.33 -1.18
C VAL B 116 -19.92 12.69 -0.57
N ASN B 117 -19.92 12.95 0.74
CA ASN B 117 -18.71 13.05 1.55
C ASN B 117 -18.81 11.96 2.62
N LEU B 118 -17.71 11.22 2.81
CA LEU B 118 -17.64 10.22 3.87
C LEU B 118 -16.50 10.62 4.77
N VAL B 119 -16.67 10.49 6.08
CA VAL B 119 -15.62 10.86 7.01
C VAL B 119 -15.06 9.62 7.70
N ALA B 120 -13.73 9.44 7.66
CA ALA B 120 -13.10 8.29 8.28
C ALA B 120 -12.45 8.64 9.60
N VAL B 121 -12.37 7.65 10.51
CA VAL B 121 -11.53 7.80 11.70
C VAL B 121 -10.06 7.90 11.16
N PRO B 122 -9.21 8.79 11.69
CA PRO B 122 -7.81 8.85 11.23
C PRO B 122 -7.13 7.52 11.52
N THR B 123 -6.71 6.80 10.46
CA THR B 123 -6.18 5.45 10.61
C THR B 123 -4.89 5.36 9.81
N GLY B 124 -3.94 4.65 10.38
CA GLY B 124 -2.64 4.46 9.76
C GLY B 124 -2.15 3.04 9.87
N TYR B 125 -1.00 2.78 9.21
CA TYR B 125 -0.39 1.47 9.15
C TYR B 125 0.78 1.48 10.12
N VAL B 126 0.60 0.84 11.29
CA VAL B 126 1.62 0.90 12.36
C VAL B 126 2.37 -0.43 12.47
N ASP B 127 3.67 -0.39 12.19
CA ASP B 127 4.48 -1.58 12.31
C ASP B 127 4.70 -1.89 13.78
N THR B 128 4.64 -3.17 14.09
CA THR B 128 4.86 -3.64 15.46
C THR B 128 5.86 -4.81 15.39
N PRO B 129 6.23 -5.38 16.55
CA PRO B 129 7.11 -6.56 16.51
C PRO B 129 6.54 -7.79 15.80
N ASN B 130 5.20 -7.85 15.59
CA ASN B 130 4.56 -9.07 15.06
C ASN B 130 3.88 -8.93 13.73
N ASN B 131 3.59 -7.70 13.32
CA ASN B 131 2.80 -7.49 12.11
C ASN B 131 2.71 -5.99 11.79
N THR B 132 1.84 -5.62 10.86
CA THR B 132 1.45 -4.22 10.68
C THR B 132 0.02 -4.13 11.19
N ASP B 133 -0.22 -3.23 12.16
CA ASP B 133 -1.53 -3.00 12.76
C ASP B 133 -2.20 -1.79 12.09
N PHE B 134 -3.25 -2.06 11.34
CA PHE B 134 -4.02 -1.00 10.68
C PHE B 134 -4.93 -0.47 11.74
N SER B 135 -4.62 0.71 12.27
CA SER B 135 -5.28 1.16 13.49
C SER B 135 -5.46 2.66 13.57
N ARG B 136 -6.36 3.11 14.46
CA ARG B 136 -6.56 4.53 14.71
C ARG B 136 -5.27 5.12 15.25
N VAL B 137 -4.90 6.31 14.74
CA VAL B 137 -3.69 6.97 15.17
C VAL B 137 -4.02 8.39 15.59
N SER B 138 -3.15 9.00 16.41
CA SER B 138 -3.35 10.40 16.81
C SER B 138 -3.23 11.30 15.57
N ALA B 139 -4.17 12.26 15.43
CA ALA B 139 -4.12 13.13 14.27
C ALA B 139 -4.78 14.49 14.54
N LYS B 140 -4.43 15.47 13.70
CA LYS B 140 -5.12 16.75 13.79
C LYS B 140 -5.23 17.37 12.42
N PRO B 141 -6.26 18.23 12.20
CA PRO B 141 -6.33 18.93 10.93
C PRO B 141 -5.10 19.83 10.75
N PRO B 142 -4.69 20.13 9.50
CA PRO B 142 -3.62 21.11 9.33
C PRO B 142 -4.00 22.47 9.95
N PRO B 143 -3.03 23.24 10.42
CA PRO B 143 -3.36 24.55 11.02
C PRO B 143 -3.76 25.59 9.97
N GLY B 144 -4.60 26.54 10.35
CA GLY B 144 -5.03 27.57 9.41
C GLY B 144 -6.53 27.64 9.22
N ASP B 145 -7.03 28.85 8.90
CA ASP B 145 -8.45 29.11 8.69
C ASP B 145 -9.06 28.32 7.51
N GLN B 146 -8.25 27.95 6.52
CA GLN B 146 -8.76 27.19 5.37
C GLN B 146 -9.03 25.70 5.73
N PHE B 147 -8.50 25.21 6.87
CA PHE B 147 -8.73 23.85 7.36
C PHE B 147 -9.66 23.77 8.60
N LYS B 148 -10.27 24.91 8.98
CA LYS B 148 -11.17 25.03 10.12
C LYS B 148 -12.36 24.09 10.08
N HIS B 149 -12.96 23.88 8.90
CA HIS B 149 -14.13 23.00 8.76
C HIS B 149 -13.86 21.51 9.08
N LEU B 150 -12.59 21.12 9.03
CA LEU B 150 -12.19 19.75 9.35
C LEU B 150 -12.16 19.48 10.85
N ILE B 151 -12.12 20.56 11.69
CA ILE B 151 -12.08 20.36 13.13
C ILE B 151 -13.22 19.47 13.67
N PRO B 152 -14.50 19.76 13.38
CA PRO B 152 -15.57 18.87 13.87
C PRO B 152 -15.58 17.44 13.27
N LEU B 153 -14.95 17.28 12.12
CA LEU B 153 -14.84 15.97 11.48
C LEU B 153 -13.92 15.00 12.23
N MET B 154 -13.02 15.51 13.07
CA MET B 154 -12.15 14.64 13.87
C MET B 154 -12.91 13.75 14.85
N TYR B 155 -14.17 14.07 15.16
CA TYR B 155 -14.96 13.24 16.07
C TYR B 155 -16.23 12.65 15.40
N LYS B 156 -16.35 12.76 14.06
CA LYS B 156 -17.49 12.23 13.29
C LYS B 156 -17.07 11.06 12.34
N GLY B 157 -15.85 10.57 12.49
CA GLY B 157 -15.35 9.52 11.62
C GLY B 157 -15.99 8.16 11.84
N LEU B 158 -16.08 7.38 10.76
CA LEU B 158 -16.53 6.01 10.82
C LEU B 158 -15.28 5.12 10.65
N PRO B 159 -15.26 3.92 11.23
CA PRO B 159 -14.09 3.04 11.03
C PRO B 159 -13.98 2.66 9.52
N TRP B 160 -12.74 2.44 9.04
CA TRP B 160 -12.54 2.14 7.64
C TRP B 160 -13.30 0.92 7.12
N ASN B 161 -13.54 -0.11 7.99
CA ASN B 161 -14.31 -1.27 7.51
C ASN B 161 -15.73 -0.85 7.10
N VAL B 162 -16.28 0.20 7.74
CA VAL B 162 -17.58 0.70 7.40
C VAL B 162 -17.49 1.64 6.18
N VAL B 163 -16.48 2.55 6.18
CA VAL B 163 -16.33 3.51 5.06
C VAL B 163 -16.19 2.79 3.71
N ARG B 164 -15.34 1.74 3.65
CA ARG B 164 -15.11 1.10 2.35
C ARG B 164 -16.41 0.42 1.84
N ILE B 165 -17.23 -0.19 2.72
CA ILE B 165 -18.50 -0.74 2.29
C ILE B 165 -19.40 0.36 1.68
N LYS B 166 -19.39 1.55 2.32
CA LYS B 166 -20.20 2.66 1.81
C LYS B 166 -19.72 3.16 0.45
N ILE B 167 -18.38 3.16 0.24
CA ILE B 167 -17.86 3.58 -1.08
C ILE B 167 -18.33 2.60 -2.17
N VAL B 168 -18.20 1.30 -1.89
CA VAL B 168 -18.61 0.31 -2.87
C VAL B 168 -20.11 0.43 -3.20
N GLN B 169 -20.93 0.62 -2.16
CA GLN B 169 -22.37 0.74 -2.37
C GLN B 169 -22.72 1.98 -3.18
N MET B 170 -22.07 3.11 -2.88
CA MET B 170 -22.33 4.35 -3.61
C MET B 170 -21.92 4.20 -5.10
N LEU B 171 -20.70 3.68 -5.34
CA LEU B 171 -20.26 3.50 -6.74
C LEU B 171 -21.16 2.54 -7.52
N SER B 172 -21.58 1.46 -6.84
CA SER B 172 -22.43 0.46 -7.46
C SER B 172 -23.79 1.08 -7.84
N ASP B 173 -24.39 1.82 -6.91
CA ASP B 173 -25.68 2.46 -7.17
C ASP B 173 -25.59 3.45 -8.30
N THR B 174 -24.47 4.20 -8.37
CA THR B 174 -24.32 5.23 -9.39
C THR B 174 -24.03 4.64 -10.76
N LEU B 175 -23.14 3.62 -10.82
CA LEU B 175 -22.62 3.14 -12.10
C LEU B 175 -23.23 1.89 -12.71
N LYS B 176 -24.05 1.12 -11.97
CA LYS B 176 -24.51 -0.16 -12.49
C LYS B 176 -25.21 -0.07 -13.83
N ASN B 177 -25.96 1.02 -14.04
CA ASN B 177 -26.65 1.19 -15.33
C ASN B 177 -25.94 2.16 -16.29
N LEU B 178 -24.69 2.54 -15.97
CA LEU B 178 -23.93 3.48 -16.80
C LEU B 178 -22.67 2.88 -17.38
N SER B 179 -21.97 1.97 -16.65
CA SER B 179 -20.68 1.46 -17.16
C SER B 179 -20.30 0.11 -16.50
N ASP B 180 -19.36 -0.59 -17.11
CA ASP B 180 -18.83 -1.82 -16.53
C ASP B 180 -17.57 -1.53 -15.68
N ARG B 181 -17.26 -0.24 -15.43
CA ARG B 181 -16.03 0.13 -14.72
C ARG B 181 -16.25 1.44 -13.99
N VAL B 182 -15.20 1.93 -13.26
CA VAL B 182 -15.17 3.28 -12.73
C VAL B 182 -13.88 3.90 -13.21
N VAL B 183 -13.93 5.19 -13.55
CA VAL B 183 -12.75 5.98 -13.86
C VAL B 183 -12.75 7.10 -12.83
N PHE B 184 -11.81 7.07 -11.86
CA PHE B 184 -11.74 8.19 -10.91
C PHE B 184 -11.04 9.36 -11.60
N VAL B 185 -11.67 10.54 -11.58
CA VAL B 185 -11.15 11.74 -12.20
C VAL B 185 -10.54 12.58 -11.11
N LEU B 186 -9.21 12.74 -11.18
CA LEU B 186 -8.43 13.35 -10.12
C LEU B 186 -7.75 14.65 -10.55
N TRP B 187 -7.33 15.43 -9.55
CA TRP B 187 -6.51 16.63 -9.81
C TRP B 187 -5.37 16.55 -8.78
N ALA B 188 -4.11 16.31 -9.21
CA ALA B 188 -2.90 16.15 -8.32
C ALA B 188 -3.13 14.90 -7.50
N HIS B 189 -2.93 13.74 -8.13
CA HIS B 189 -3.39 12.45 -7.61
C HIS B 189 -2.69 11.79 -6.42
N GLY B 190 -1.51 12.23 -5.99
CA GLY B 190 -0.77 11.52 -4.96
C GLY B 190 -1.56 11.09 -3.73
N PHE B 191 -2.21 12.05 -3.07
CA PHE B 191 -2.97 11.73 -1.87
C PHE B 191 -4.23 10.91 -2.19
N GLU B 192 -4.81 11.07 -3.40
CA GLU B 192 -5.95 10.24 -3.76
C GLU B 192 -5.49 8.79 -3.92
N LEU B 193 -4.30 8.58 -4.48
CA LEU B 193 -3.76 7.23 -4.63
C LEU B 193 -3.41 6.62 -3.23
N THR B 194 -2.83 7.44 -2.31
CA THR B 194 -2.61 6.97 -0.94
C THR B 194 -3.96 6.58 -0.29
N SER B 195 -5.01 7.39 -0.53
CA SER B 195 -6.30 7.07 0.07
C SER B 195 -6.88 5.80 -0.54
N MET B 196 -6.66 5.56 -1.86
CA MET B 196 -7.14 4.32 -2.49
C MET B 196 -6.58 3.07 -1.85
N LYS B 197 -5.37 3.14 -1.23
CA LYS B 197 -4.84 1.97 -0.54
C LYS B 197 -5.82 1.43 0.52
N TYR B 198 -6.67 2.33 1.08
CA TYR B 198 -7.59 1.96 2.12
C TYR B 198 -8.84 1.27 1.57
N PHE B 199 -9.11 1.31 0.25
CA PHE B 199 -10.39 0.74 -0.25
C PHE B 199 -10.37 0.14 -1.65
N VAL B 200 -9.16 0.01 -2.25
CA VAL B 200 -9.00 -0.58 -3.59
C VAL B 200 -8.09 -1.79 -3.53
N LYS B 201 -8.42 -2.82 -4.28
CA LYS B 201 -7.52 -3.96 -4.53
C LYS B 201 -7.38 -4.14 -6.03
N ILE B 202 -6.27 -4.75 -6.46
CA ILE B 202 -5.99 -5.01 -7.87
C ILE B 202 -5.63 -6.47 -8.11
N GLY B 203 -5.69 -6.83 -9.39
CA GLY B 203 -5.31 -8.17 -9.81
C GLY B 203 -5.65 -8.35 -11.27
N PRO B 204 -5.58 -9.60 -11.73
CA PRO B 204 -5.93 -9.84 -13.14
C PRO B 204 -7.41 -9.49 -13.37
N GLU B 205 -7.78 -9.15 -14.62
CA GLU B 205 -9.19 -8.95 -14.94
C GLU B 205 -9.99 -10.22 -14.62
N ARG B 206 -11.07 -10.06 -13.89
N ARG B 206 -11.08 -10.06 -13.90
CA ARG B 206 -11.92 -11.17 -13.47
CA ARG B 206 -11.92 -11.18 -13.48
C ARG B 206 -13.33 -10.94 -13.98
C ARG B 206 -13.33 -10.94 -13.98
N THR B 207 -14.17 -11.99 -13.95
CA THR B 207 -15.58 -11.83 -14.27
C THR B 207 -16.27 -11.93 -12.92
N CYS B 208 -17.47 -11.43 -12.85
CA CYS B 208 -18.34 -11.46 -11.70
C CYS B 208 -18.65 -12.92 -11.23
N CYS B 209 -19.08 -13.09 -9.96
CA CYS B 209 -19.47 -14.40 -9.40
C CYS B 209 -20.86 -14.85 -9.87
N LEU B 210 -21.73 -13.92 -10.26
CA LEU B 210 -23.10 -14.24 -10.65
C LEU B 210 -23.44 -13.92 -12.11
N CYS B 211 -22.47 -13.46 -12.93
CA CYS B 211 -22.75 -13.12 -14.33
C CYS B 211 -21.46 -13.00 -15.17
N ASP B 212 -21.58 -12.65 -16.46
CA ASP B 212 -20.44 -12.53 -17.37
C ASP B 212 -19.76 -11.15 -17.38
N ARG B 213 -20.29 -10.17 -16.61
CA ARG B 213 -19.73 -8.82 -16.60
C ARG B 213 -18.36 -8.81 -15.90
N ARG B 214 -17.44 -7.85 -16.23
CA ARG B 214 -16.17 -7.80 -15.51
C ARG B 214 -16.42 -7.46 -14.02
N ALA B 215 -15.52 -7.95 -13.20
CA ALA B 215 -15.62 -7.72 -11.76
C ALA B 215 -15.13 -6.28 -11.48
N THR B 216 -15.90 -5.55 -10.67
CA THR B 216 -15.58 -4.17 -10.25
C THR B 216 -15.44 -4.08 -8.71
N CYS B 217 -15.75 -5.17 -7.98
CA CYS B 217 -15.73 -5.20 -6.54
C CYS B 217 -15.16 -6.54 -6.06
N PHE B 218 -14.63 -6.51 -4.84
CA PHE B 218 -14.10 -7.69 -4.19
C PHE B 218 -14.59 -7.75 -2.75
N SER B 219 -14.78 -9.02 -2.24
CA SER B 219 -15.21 -9.20 -0.87
C SER B 219 -14.15 -9.97 -0.11
N THR B 220 -13.61 -9.38 0.97
CA THR B 220 -12.66 -10.11 1.82
C THR B 220 -13.43 -11.17 2.65
N ALA B 221 -14.76 -11.10 2.77
CA ALA B 221 -15.53 -12.08 3.56
C ALA B 221 -15.53 -13.45 2.89
N SER B 222 -15.61 -13.49 1.56
CA SER B 222 -15.69 -14.75 0.85
C SER B 222 -14.62 -14.94 -0.23
N ASP B 223 -13.73 -13.93 -0.42
CA ASP B 223 -12.72 -13.97 -1.47
C ASP B 223 -13.39 -14.17 -2.84
N THR B 224 -14.46 -13.40 -3.07
CA THR B 224 -15.22 -13.44 -4.32
C THR B 224 -15.25 -12.07 -4.98
N TYR B 225 -15.61 -12.08 -6.28
CA TYR B 225 -15.62 -10.91 -7.15
C TYR B 225 -17.01 -10.64 -7.65
N ALA B 226 -17.37 -9.36 -7.85
CA ALA B 226 -18.70 -9.02 -8.34
C ALA B 226 -18.66 -7.81 -9.24
N CYS B 227 -19.64 -7.70 -10.12
CA CYS B 227 -19.83 -6.50 -10.92
C CYS B 227 -20.64 -5.47 -10.04
N TRP B 228 -21.03 -4.30 -10.64
CA TRP B 228 -21.79 -3.30 -9.88
C TRP B 228 -23.20 -3.76 -9.47
N HIS B 229 -23.76 -4.72 -10.24
CA HIS B 229 -25.10 -5.20 -9.95
C HIS B 229 -25.13 -6.22 -8.81
N HIS B 230 -24.03 -6.95 -8.59
CA HIS B 230 -24.04 -8.05 -7.61
C HIS B 230 -23.12 -7.83 -6.41
N SER B 231 -22.83 -6.56 -6.11
CA SER B 231 -21.85 -6.26 -5.08
C SER B 231 -22.38 -5.96 -3.70
N ILE B 232 -23.69 -6.18 -3.40
CA ILE B 232 -24.18 -5.85 -2.05
C ILE B 232 -23.31 -6.52 -0.93
N GLY B 233 -22.87 -5.74 0.05
CA GLY B 233 -22.02 -6.23 1.13
C GLY B 233 -20.53 -6.26 0.84
N PHE B 234 -20.13 -6.03 -0.42
CA PHE B 234 -18.70 -6.10 -0.78
C PHE B 234 -17.94 -4.88 -0.22
N ASP B 235 -16.67 -5.10 0.18
CA ASP B 235 -15.91 -4.05 0.88
C ASP B 235 -14.82 -3.39 0.08
N TYR B 236 -14.38 -3.96 -1.05
CA TYR B 236 -13.32 -3.34 -1.85
C TYR B 236 -13.70 -3.03 -3.30
N VAL B 237 -13.20 -1.87 -3.78
CA VAL B 237 -13.28 -1.54 -5.22
C VAL B 237 -12.16 -2.35 -5.89
N TYR B 238 -12.45 -3.06 -7.00
CA TYR B 238 -11.46 -3.93 -7.63
C TYR B 238 -11.14 -3.42 -9.03
N ASN B 239 -9.86 -3.28 -9.33
CA ASN B 239 -9.44 -2.81 -10.64
C ASN B 239 -10.16 -1.54 -11.14
N PRO B 240 -10.16 -0.47 -10.34
CA PRO B 240 -10.66 0.81 -10.83
C PRO B 240 -9.65 1.39 -11.82
N PHE B 241 -10.12 2.36 -12.62
CA PHE B 241 -9.23 3.11 -13.50
C PHE B 241 -9.23 4.55 -13.01
N MET B 242 -8.26 5.35 -13.49
CA MET B 242 -8.16 6.74 -13.03
C MET B 242 -7.36 7.61 -14.01
N ILE B 243 -7.55 8.94 -13.89
CA ILE B 243 -6.79 9.86 -14.70
C ILE B 243 -6.58 11.13 -13.91
N ASP B 244 -5.40 11.74 -14.03
CA ASP B 244 -5.11 13.00 -13.33
C ASP B 244 -5.20 14.14 -14.37
N VAL B 245 -6.28 14.91 -14.30
CA VAL B 245 -6.63 16.03 -15.18
C VAL B 245 -5.54 17.10 -15.16
N GLN B 246 -4.88 17.31 -14.00
CA GLN B 246 -3.82 18.32 -13.90
C GLN B 246 -2.69 18.04 -14.92
N GLN B 247 -2.46 16.78 -15.27
CA GLN B 247 -1.42 16.41 -16.24
C GLN B 247 -1.76 16.79 -17.68
N TRP B 248 -2.97 17.32 -17.95
CA TRP B 248 -3.32 17.73 -19.33
C TRP B 248 -2.78 19.13 -19.71
N GLY B 249 -1.81 19.64 -18.96
CA GLY B 249 -1.14 20.91 -19.25
C GLY B 249 -1.66 22.16 -18.59
N PHE B 250 -2.62 22.04 -17.68
CA PHE B 250 -3.17 23.21 -16.99
C PHE B 250 -2.15 23.90 -16.11
N THR B 251 -2.28 25.22 -15.94
CA THR B 251 -1.41 25.98 -15.05
C THR B 251 -2.32 26.55 -13.93
N GLY B 252 -1.78 26.68 -12.74
CA GLY B 252 -2.56 27.20 -11.62
C GLY B 252 -3.45 26.16 -11.00
N ASN B 253 -4.29 26.59 -10.05
CA ASN B 253 -5.08 25.71 -9.21
C ASN B 253 -6.34 25.17 -9.88
N LEU B 254 -6.96 24.15 -9.27
CA LEU B 254 -8.18 23.53 -9.81
C LEU B 254 -9.29 24.56 -10.04
N GLN B 255 -9.57 25.39 -9.02
CA GLN B 255 -10.69 26.32 -9.14
C GLN B 255 -10.54 27.29 -10.29
N SER B 256 -9.32 27.84 -10.51
CA SER B 256 -9.13 28.81 -11.59
C SER B 256 -9.40 28.18 -12.95
N ASN B 257 -8.96 26.92 -13.15
CA ASN B 257 -9.19 26.26 -14.42
C ASN B 257 -10.65 25.85 -14.59
N HIS B 258 -11.29 25.32 -13.54
CA HIS B 258 -12.71 24.98 -13.60
C HIS B 258 -13.57 26.23 -13.95
N ASP B 259 -13.26 27.38 -13.33
CA ASP B 259 -14.01 28.61 -13.53
C ASP B 259 -13.89 29.20 -14.93
N LEU B 260 -12.86 28.82 -15.69
CA LEU B 260 -12.73 29.26 -17.07
C LEU B 260 -13.92 28.79 -17.93
N TYR B 261 -14.54 27.64 -17.57
CA TYR B 261 -15.63 27.09 -18.37
C TYR B 261 -16.97 27.05 -17.69
N CYS B 262 -16.99 27.12 -16.36
CA CYS B 262 -18.22 26.88 -15.61
C CYS B 262 -18.42 27.90 -14.52
N GLN B 263 -19.67 28.36 -14.39
CA GLN B 263 -20.07 29.33 -13.37
C GLN B 263 -21.12 28.75 -12.40
N VAL B 264 -21.66 27.54 -12.67
CA VAL B 264 -22.71 26.98 -11.83
C VAL B 264 -22.19 26.21 -10.59
N HIS B 265 -20.86 26.02 -10.48
CA HIS B 265 -20.30 25.32 -9.32
C HIS B 265 -19.45 26.27 -8.49
N GLY B 266 -20.09 26.94 -7.55
CA GLY B 266 -19.38 27.81 -6.61
C GLY B 266 -18.54 26.95 -5.67
N ASN B 267 -17.37 27.45 -5.25
CA ASN B 267 -16.50 26.67 -4.38
C ASN B 267 -17.01 26.67 -2.93
N ALA B 268 -17.57 25.54 -2.47
CA ALA B 268 -18.03 25.45 -1.08
C ALA B 268 -16.98 24.89 -0.11
N HIS B 269 -15.70 24.78 -0.56
CA HIS B 269 -14.53 24.34 0.21
C HIS B 269 -14.72 23.04 0.99
N VAL B 270 -15.00 21.94 0.26
CA VAL B 270 -15.22 20.61 0.82
C VAL B 270 -14.75 19.56 -0.22
N ALA B 271 -14.38 18.34 0.23
CA ALA B 271 -13.86 17.31 -0.67
C ALA B 271 -14.81 17.04 -1.84
N SER B 272 -16.13 16.94 -1.58
CA SER B 272 -17.08 16.68 -2.68
C SER B 272 -17.09 17.79 -3.70
N CYS B 273 -16.90 19.04 -3.27
N CYS B 273 -16.90 19.03 -3.28
CA CYS B 273 -16.89 20.17 -4.21
CA CYS B 273 -16.90 20.16 -4.20
C CYS B 273 -15.70 20.11 -5.12
C CYS B 273 -15.68 20.17 -5.11
N ASP B 274 -14.51 19.78 -4.57
CA ASP B 274 -13.31 19.64 -5.41
C ASP B 274 -13.53 18.48 -6.39
N ALA B 275 -14.16 17.40 -5.94
CA ALA B 275 -14.45 16.26 -6.80
C ALA B 275 -15.43 16.63 -7.92
N ILE B 276 -16.48 17.41 -7.60
CA ILE B 276 -17.43 17.88 -8.62
C ILE B 276 -16.74 18.81 -9.62
N MET B 277 -15.88 19.74 -9.12
CA MET B 277 -15.18 20.65 -10.01
C MET B 277 -14.20 19.94 -10.91
N THR B 278 -13.56 18.85 -10.42
CA THR B 278 -12.58 18.15 -11.23
C THR B 278 -13.27 17.42 -12.36
N ARG B 279 -14.40 16.73 -12.07
CA ARG B 279 -15.12 16.04 -13.14
C ARG B 279 -15.70 17.05 -14.12
N CYS B 280 -16.21 18.17 -13.62
CA CYS B 280 -16.81 19.18 -14.47
C CYS B 280 -15.78 19.79 -15.40
N LEU B 281 -14.58 20.13 -14.89
CA LEU B 281 -13.51 20.64 -15.75
C LEU B 281 -13.14 19.64 -16.84
N ALA B 282 -12.99 18.35 -16.47
CA ALA B 282 -12.64 17.35 -17.46
C ALA B 282 -13.74 17.24 -18.54
N VAL B 283 -15.03 17.31 -18.14
CA VAL B 283 -16.11 17.23 -19.10
C VAL B 283 -16.09 18.45 -20.03
N HIS B 284 -15.86 19.65 -19.48
CA HIS B 284 -15.84 20.85 -20.36
C HIS B 284 -14.67 20.79 -21.33
N GLU B 285 -13.51 20.34 -20.84
CA GLU B 285 -12.33 20.23 -21.69
C GLU B 285 -12.51 19.24 -22.85
N CYS B 286 -13.16 18.09 -22.61
CA CYS B 286 -13.26 17.06 -23.65
C CYS B 286 -14.49 17.07 -24.50
N PHE B 287 -15.59 17.63 -24.00
CA PHE B 287 -16.87 17.48 -24.71
C PHE B 287 -17.59 18.73 -25.09
N VAL B 288 -17.18 19.88 -24.56
CA VAL B 288 -17.86 21.13 -24.83
C VAL B 288 -17.07 21.96 -25.85
N LYS B 289 -17.70 22.25 -27.01
CA LYS B 289 -17.11 22.97 -28.15
C LYS B 289 -15.97 22.15 -28.76
#